data_6CZK
#
_entry.id   6CZK
#
_cell.length_a   97.416
_cell.length_b   97.416
_cell.length_c   107.530
_cell.angle_alpha   90.00
_cell.angle_beta   90.00
_cell.angle_gamma   120.00
#
_symmetry.space_group_name_H-M   'P 31 2 1'
#
loop_
_entity.id
_entity.type
_entity.pdbx_description
1 polymer 'Pro-cathepsin H'
2 branched 2-acetamido-2-deoxy-beta-D-glucopyranose-(1-4)-2-acetamido-2-deoxy-beta-D-glucopyranose
3 branched alpha-D-mannopyranose-(1-3)-[alpha-D-mannopyranose-(1-6)]beta-D-mannopyranose-(1-4)-2-acetamido-2-deoxy-beta-D-glucopyranose-(1-4)-2-acetamido-2-deoxy-beta-D-glucopyranose
4 non-polymer 'SULFATE ION'
5 non-polymer GLYCEROL
6 water water
#
_entity_poly.entity_id   1
_entity_poly.type   'polypeptide(L)'
_entity_poly.pdbx_seq_one_letter_code
;MWATLPLLCAGAWLLGVPVCGAAELCVNSLEKFHFKSWMSKHRKTYSTEEYHHRLQTFASNWRKINAHNNGNHTFKMALN
QFSDMSFAEIKHKYLWSEPQNCSATKSNYLRGTGPYPPSVDWRKKGNFVSPVKNQGACGS(CSX)WTFSTTGALESAIAI
ATGKMLSLAEQQLVDCAQDFNNHGCQGGLPSQAFEYILYNKGIMGEDTYPYQGKDGYCKFQPGKAIGFVKDVANITIYDE
EAMVEAVALYNPVSFAFEVTQDFMMYRTGIYSSTSCHKTPDKVNHAVLAVGYGEKNGIPYWIVKNSWGPQWGMNGYFLIE
RGKNMCGLAACASYPIPLV
;
_entity_poly.pdbx_strand_id   A
#
loop_
_chem_comp.id
_chem_comp.type
_chem_comp.name
_chem_comp.formula
BMA D-saccharide, beta linking beta-D-mannopyranose 'C6 H12 O6'
GOL non-polymer GLYCEROL 'C3 H8 O3'
MAN D-saccharide, alpha linking alpha-D-mannopyranose 'C6 H12 O6'
NAG D-saccharide, beta linking 2-acetamido-2-deoxy-beta-D-glucopyranose 'C8 H15 N O6'
SO4 non-polymer 'SULFATE ION' 'O4 S -2'
#
# COMPACT_ATOMS: atom_id res chain seq x y z
N GLU A 24 17.79 -21.75 17.95
CA GLU A 24 18.97 -21.43 17.16
C GLU A 24 19.16 -22.41 16.01
N LEU A 25 19.20 -21.89 14.79
CA LEU A 25 19.29 -22.72 13.59
C LEU A 25 20.74 -23.02 13.24
N CYS A 26 20.94 -24.18 12.64
CA CYS A 26 22.20 -24.48 11.95
C CYS A 26 22.04 -24.02 10.51
N VAL A 27 22.77 -22.99 10.14
CA VAL A 27 22.65 -22.37 8.83
C VAL A 27 23.58 -23.09 7.87
N ASN A 28 23.05 -23.53 6.73
CA ASN A 28 23.86 -24.24 5.75
C ASN A 28 24.57 -23.26 4.83
N SER A 29 25.54 -23.78 4.07
CA SER A 29 26.39 -22.91 3.27
C SER A 29 25.64 -22.28 2.12
N LEU A 30 24.58 -22.92 1.64
CA LEU A 30 23.77 -22.30 0.60
C LEU A 30 23.14 -21.02 1.12
N GLU A 31 22.52 -21.10 2.29
CA GLU A 31 21.95 -19.90 2.91
C GLU A 31 23.02 -18.85 3.18
N LYS A 32 24.18 -19.26 3.71
CA LYS A 32 25.24 -18.30 3.98
C LYS A 32 25.68 -17.57 2.72
N PHE A 33 26.01 -18.30 1.65
CA PHE A 33 26.49 -17.64 0.45
C PHE A 33 25.43 -16.71 -0.14
N HIS A 34 24.15 -17.10 -0.03
CA HIS A 34 23.10 -16.23 -0.53
C HIS A 34 22.92 -14.99 0.34
N PHE A 35 23.09 -15.14 1.66
CA PHE A 35 23.03 -13.96 2.54
C PHE A 35 24.16 -12.99 2.23
N LYS A 36 25.36 -13.51 1.91
CA LYS A 36 26.47 -12.66 1.51
C LYS A 36 26.14 -11.85 0.28
N SER A 37 25.54 -12.48 -0.73
CA SER A 37 25.11 -11.73 -1.92
C SER A 37 24.04 -10.72 -1.57
N TRP A 38 23.06 -11.13 -0.74
CA TRP A 38 21.96 -10.26 -0.37
C TRP A 38 22.46 -8.99 0.30
N MET A 39 23.42 -9.12 1.22
CA MET A 39 24.00 -7.96 1.89
C MET A 39 24.63 -7.00 0.91
N SER A 40 25.34 -7.51 -0.10
CA SER A 40 25.96 -6.63 -1.08
C SER A 40 24.92 -5.98 -1.98
N LYS A 41 23.93 -6.75 -2.42
CA LYS A 41 22.86 -6.20 -3.23
C LYS A 41 22.09 -5.09 -2.49
N HIS A 42 21.88 -5.25 -1.19
CA HIS A 42 21.15 -4.27 -0.40
C HIS A 42 22.09 -3.37 0.42
N ARG A 43 23.37 -3.33 0.07
CA ARG A 43 24.34 -2.36 0.59
C ARG A 43 24.38 -2.32 2.11
N LYS A 44 24.41 -3.51 2.74
CA LYS A 44 24.39 -3.62 4.19
C LYS A 44 25.80 -3.77 4.76
N THR A 45 25.97 -3.29 6.01
CA THR A 45 27.13 -3.59 6.85
C THR A 45 26.67 -3.94 8.25
N TYR A 46 27.17 -5.04 8.77
CA TYR A 46 26.84 -5.49 10.11
C TYR A 46 28.13 -5.74 10.87
N SER A 47 28.11 -5.45 12.17
CA SER A 47 29.14 -5.99 13.04
C SER A 47 29.07 -7.50 13.04
N THR A 48 30.19 -8.14 13.38
CA THR A 48 30.20 -9.60 13.48
C THR A 48 29.08 -10.10 14.38
N GLU A 49 28.73 -9.33 15.39
CA GLU A 49 27.74 -9.84 16.32
C GLU A 49 26.31 -9.62 15.81
N GLU A 50 26.04 -8.52 15.09
CA GLU A 50 24.71 -8.39 14.49
C GLU A 50 24.57 -9.25 13.24
N TYR A 51 25.64 -9.40 12.47
CA TYR A 51 25.61 -10.30 11.31
C TYR A 51 25.05 -11.65 11.71
N HIS A 52 25.47 -12.18 12.86
CA HIS A 52 25.01 -13.50 13.27
C HIS A 52 23.50 -13.51 13.49
N HIS A 53 22.96 -12.47 14.12
CA HIS A 53 21.51 -12.41 14.34
CA HIS A 53 21.51 -12.43 14.33
C HIS A 53 20.77 -12.19 13.03
N ARG A 54 21.32 -11.37 12.14
CA ARG A 54 20.70 -11.14 10.83
C ARG A 54 20.71 -12.41 9.98
N LEU A 55 21.82 -13.15 9.99
CA LEU A 55 21.87 -14.41 9.24
C LEU A 55 20.81 -15.39 9.74
N GLN A 56 20.61 -15.47 11.05
CA GLN A 56 19.59 -16.35 11.61
C GLN A 56 18.21 -15.98 11.09
N THR A 57 17.88 -14.68 11.08
CA THR A 57 16.58 -14.26 10.56
C THR A 57 16.46 -14.57 9.08
N PHE A 58 17.51 -14.26 8.31
CA PHE A 58 17.52 -14.58 6.89
C PHE A 58 17.29 -16.06 6.64
N ALA A 59 18.02 -16.92 7.37
CA ALA A 59 17.84 -18.36 7.17
C ALA A 59 16.45 -18.80 7.57
N SER A 60 15.94 -18.26 8.69
CA SER A 60 14.57 -18.57 9.08
C SER A 60 13.57 -18.19 7.99
N ASN A 61 13.75 -17.01 7.37
CA ASN A 61 12.83 -16.62 6.29
C ASN A 61 13.03 -17.50 5.06
N TRP A 62 14.29 -17.78 4.71
CA TRP A 62 14.59 -18.70 3.60
C TRP A 62 13.80 -19.99 3.71
N ARG A 63 13.80 -20.62 4.89
CA ARG A 63 13.09 -21.88 5.06
C ARG A 63 11.59 -21.69 5.04
N LYS A 64 11.09 -20.59 5.59
CA LYS A 64 9.66 -20.33 5.50
C LYS A 64 9.23 -20.17 4.04
N ILE A 65 10.00 -19.44 3.26
CA ILE A 65 9.66 -19.25 1.85
C ILE A 65 9.65 -20.59 1.13
N ASN A 66 10.71 -21.38 1.30
CA ASN A 66 10.79 -22.67 0.62
C ASN A 66 9.66 -23.59 1.09
N ALA A 67 9.41 -23.64 2.39
CA ALA A 67 8.34 -24.50 2.89
C ALA A 67 7.00 -24.10 2.29
N HIS A 68 6.76 -22.79 2.15
CA HIS A 68 5.52 -22.32 1.54
C HIS A 68 5.47 -22.67 0.07
N ASN A 69 6.52 -22.29 -0.68
CA ASN A 69 6.52 -22.49 -2.13
C ASN A 69 6.51 -23.96 -2.51
N ASN A 70 7.08 -24.83 -1.68
CA ASN A 70 7.11 -26.26 -1.97
C ASN A 70 5.76 -26.93 -1.73
N GLY A 71 4.85 -26.26 -1.02
CA GLY A 71 3.50 -26.75 -0.83
C GLY A 71 2.55 -26.21 -1.88
N ASN A 72 1.26 -26.27 -1.57
CA ASN A 72 0.21 -25.87 -2.50
C ASN A 72 -0.49 -24.62 -1.97
N HIS A 73 -0.34 -23.50 -2.68
CA HIS A 73 -0.95 -22.24 -2.26
C HIS A 73 -1.27 -21.41 -3.49
N THR A 74 -2.13 -20.41 -3.31
CA THR A 74 -2.48 -19.53 -4.42
C THR A 74 -1.48 -18.40 -4.63
N PHE A 75 -0.47 -18.25 -3.76
CA PHE A 75 0.58 -17.25 -4.00
C PHE A 75 1.93 -17.84 -3.61
N LYS A 76 2.98 -17.27 -4.19
CA LYS A 76 4.36 -17.64 -3.92
C LYS A 76 5.04 -16.55 -3.10
N MET A 77 6.04 -16.93 -2.33
CA MET A 77 6.88 -15.98 -1.62
C MET A 77 8.26 -15.92 -2.26
N ALA A 78 9.05 -14.92 -1.84
CA ALA A 78 10.41 -14.76 -2.33
C ALA A 78 11.17 -13.85 -1.39
N LEU A 79 12.50 -13.85 -1.55
CA LEU A 79 13.36 -12.91 -0.85
C LEU A 79 13.17 -11.51 -1.42
N ASN A 80 13.33 -10.51 -0.55
CA ASN A 80 13.21 -9.12 -0.97
C ASN A 80 13.95 -8.27 0.06
N GLN A 81 13.66 -6.97 0.09
CA GLN A 81 14.41 -6.09 0.99
C GLN A 81 14.11 -6.34 2.47
N PHE A 82 13.07 -7.10 2.77
CA PHE A 82 12.68 -7.32 4.16
C PHE A 82 13.22 -8.62 4.73
N SER A 83 14.02 -9.38 3.96
CA SER A 83 14.27 -10.77 4.31
C SER A 83 15.15 -10.96 5.54
N ASP A 84 15.94 -9.96 5.95
CA ASP A 84 16.75 -10.11 7.15
C ASP A 84 16.13 -9.44 8.37
N MET A 85 14.84 -9.11 8.32
CA MET A 85 14.18 -8.46 9.44
C MET A 85 13.09 -9.36 10.00
N SER A 86 12.94 -9.33 11.33
CA SER A 86 11.78 -9.95 11.97
C SER A 86 10.54 -9.10 11.70
N PHE A 87 9.36 -9.69 11.89
CA PHE A 87 8.15 -8.91 11.66
C PHE A 87 7.98 -7.83 12.71
N ALA A 88 8.45 -8.07 13.93
CA ALA A 88 8.43 -7.02 14.94
C ALA A 88 9.18 -5.79 14.44
N GLU A 89 10.40 -6.00 13.94
CA GLU A 89 11.15 -4.86 13.41
C GLU A 89 10.44 -4.21 12.23
N ILE A 90 9.90 -5.02 11.33
CA ILE A 90 9.18 -4.49 10.16
C ILE A 90 8.03 -3.61 10.61
N LYS A 91 7.25 -4.11 11.57
CA LYS A 91 6.11 -3.36 12.06
C LYS A 91 6.52 -2.03 12.66
N HIS A 92 7.59 -2.00 13.46
CA HIS A 92 8.02 -0.75 14.09
CA HIS A 92 7.95 -0.73 14.07
C HIS A 92 8.50 0.25 13.04
N LYS A 93 9.22 -0.22 12.02
CA LYS A 93 9.86 0.68 11.08
C LYS A 93 8.97 1.06 9.89
N TYR A 94 8.12 0.16 9.42
CA TYR A 94 7.47 0.35 8.13
C TYR A 94 5.96 0.50 8.19
N LEU A 95 5.29 -0.02 9.20
CA LEU A 95 3.84 -0.02 9.25
C LEU A 95 3.36 1.05 10.22
N TRP A 96 2.04 1.25 10.27
CA TRP A 96 1.49 2.25 11.19
C TRP A 96 1.86 1.92 12.63
N SER A 97 2.23 2.93 13.41
CA SER A 97 2.56 2.68 14.80
C SER A 97 1.34 2.76 15.72
N GLU A 98 0.16 3.05 15.19
CA GLU A 98 -1.05 3.09 16.01
C GLU A 98 -2.25 2.87 15.11
N PRO A 99 -3.35 2.34 15.62
CA PRO A 99 -4.56 2.21 14.79
C PRO A 99 -5.08 3.59 14.39
N GLN A 100 -5.65 3.65 13.20
CA GLN A 100 -6.23 4.88 12.70
C GLN A 100 -7.75 4.83 12.85
N ASN A 101 -8.39 5.95 12.56
CA ASN A 101 -9.85 6.06 12.71
C ASN A 101 -10.57 5.51 11.47
N CYS A 102 -10.25 4.25 11.16
CA CYS A 102 -10.79 3.61 9.96
C CYS A 102 -12.29 3.38 10.10
N SER A 103 -12.73 2.94 11.27
CA SER A 103 -14.15 2.68 11.48
C SER A 103 -14.96 3.95 11.37
N ALA A 104 -16.05 3.90 10.59
CA ALA A 104 -16.97 5.02 10.46
C ALA A 104 -18.40 4.51 10.46
N THR A 105 -19.27 5.25 11.13
CA THR A 105 -20.69 4.94 11.14
C THR A 105 -21.45 5.69 10.04
N LYS A 106 -20.78 6.60 9.32
CA LYS A 106 -21.40 7.29 8.20
C LYS A 106 -20.54 7.20 6.95
N SER A 107 -21.21 7.21 5.80
CA SER A 107 -20.55 7.15 4.51
C SER A 107 -21.39 7.96 3.55
N ASN A 108 -20.90 8.12 2.34
CA ASN A 108 -21.74 8.77 1.34
C ASN A 108 -21.87 8.03 0.02
N TYR A 109 -21.00 7.06 -0.29
CA TYR A 109 -21.12 6.32 -1.55
C TYR A 109 -22.31 5.36 -1.50
N LEU A 110 -23.17 5.43 -2.52
CA LEU A 110 -24.30 4.52 -2.68
C LEU A 110 -24.12 3.77 -3.99
N ARG A 111 -24.04 2.45 -3.91
CA ARG A 111 -23.79 1.65 -5.09
C ARG A 111 -25.01 1.61 -6.00
N GLY A 112 -24.77 1.62 -7.30
CA GLY A 112 -25.81 1.36 -8.28
C GLY A 112 -25.98 -0.14 -8.48
N THR A 113 -26.18 -0.57 -9.72
CA THR A 113 -26.58 -1.93 -10.02
C THR A 113 -25.57 -2.59 -10.94
N GLY A 114 -25.29 -3.86 -10.68
CA GLY A 114 -24.45 -4.68 -11.55
C GLY A 114 -25.26 -5.26 -12.72
N PRO A 115 -24.65 -6.19 -13.47
CA PRO A 115 -23.30 -6.69 -13.22
C PRO A 115 -22.23 -5.72 -13.71
N TYR A 116 -21.01 -5.99 -13.31
CA TYR A 116 -19.87 -5.19 -13.66
C TYR A 116 -18.97 -5.98 -14.59
N PRO A 117 -18.02 -5.32 -15.27
CA PRO A 117 -17.16 -6.05 -16.18
C PRO A 117 -16.44 -7.17 -15.46
N PRO A 118 -16.18 -8.28 -16.15
CA PRO A 118 -15.46 -9.40 -15.51
C PRO A 118 -14.07 -9.01 -15.03
N SER A 119 -13.45 -8.04 -15.68
CA SER A 119 -12.11 -7.62 -15.28
C SER A 119 -11.91 -6.16 -15.68
N VAL A 120 -11.11 -5.47 -14.89
CA VAL A 120 -10.81 -4.05 -15.04
C VAL A 120 -9.34 -3.87 -14.70
N ASP A 121 -8.63 -3.02 -15.46
CA ASP A 121 -7.24 -2.71 -15.12
C ASP A 121 -6.95 -1.30 -15.66
N TRP A 122 -7.03 -0.31 -14.78
CA TRP A 122 -6.75 1.07 -15.15
C TRP A 122 -5.36 1.25 -15.73
N ARG A 123 -4.42 0.36 -15.44
CA ARG A 123 -3.11 0.46 -16.07
C ARG A 123 -3.18 0.21 -17.57
N LYS A 124 -4.13 -0.62 -18.02
CA LYS A 124 -4.28 -0.98 -19.43
C LYS A 124 -5.18 -0.04 -20.20
N LYS A 125 -6.13 0.61 -19.53
CA LYS A 125 -7.06 1.50 -20.23
C LYS A 125 -6.36 2.71 -20.82
N GLY A 126 -5.15 3.01 -20.37
CA GLY A 126 -4.48 4.22 -20.77
C GLY A 126 -3.43 4.59 -19.74
N ASN A 127 -2.88 5.79 -19.90
CA ASN A 127 -1.85 6.30 -18.98
C ASN A 127 -2.55 6.91 -17.76
N PHE A 128 -3.07 6.01 -16.92
CA PHE A 128 -3.94 6.42 -15.83
C PHE A 128 -3.43 6.04 -14.45
N VAL A 129 -2.31 5.34 -14.35
CA VAL A 129 -1.74 4.93 -13.05
C VAL A 129 -0.27 5.34 -13.04
N SER A 130 0.14 6.03 -11.98
CA SER A 130 1.50 6.53 -11.93
C SER A 130 2.49 5.40 -11.63
N PRO A 131 3.79 5.62 -11.87
CA PRO A 131 4.78 4.58 -11.56
C PRO A 131 4.83 4.26 -10.08
N VAL A 132 5.34 3.08 -9.78
CA VAL A 132 5.47 2.60 -8.41
C VAL A 132 6.56 3.38 -7.67
N LYS A 133 6.24 3.85 -6.46
CA LYS A 133 7.15 4.65 -5.65
C LYS A 133 7.59 3.86 -4.43
N ASN A 134 8.46 4.46 -3.61
CA ASN A 134 8.99 3.77 -2.44
C ASN A 134 8.87 4.68 -1.22
N GLN A 135 8.06 4.26 -0.24
CA GLN A 135 7.84 5.07 0.97
C GLN A 135 9.04 5.08 1.93
N GLY A 136 9.97 4.13 1.78
CA GLY A 136 11.10 4.08 2.69
C GLY A 136 10.68 3.65 4.10
N ALA A 137 11.52 4.00 5.08
CA ALA A 137 11.33 3.55 6.46
C ALA A 137 10.43 4.54 7.21
N CYS A 138 9.16 4.55 6.81
CA CYS A 138 8.21 5.57 7.25
C CYS A 138 6.82 5.02 6.98
N GLY A 139 5.94 5.11 7.96
CA GLY A 139 4.59 4.56 7.82
C GLY A 139 3.67 5.50 7.06
N SER A 140 4.13 5.95 5.90
CA SER A 140 3.43 6.95 5.13
C SER A 140 2.71 6.38 3.90
N CSX A 141 2.44 5.08 3.89
CA CSX A 141 1.72 4.45 2.81
CA CSX A 141 1.74 4.47 2.78
CB CSX A 141 1.49 2.97 3.11
CB CSX A 141 1.57 2.96 2.92
SG CSX A 141 1.11 2.64 4.79
SG CSX A 141 1.00 2.41 4.50
C CSX A 141 0.38 5.10 2.50
O CSX A 141 0.09 5.29 1.18
O CSX A 141 0.06 5.30 1.20
OD CSX A 141 2.42 2.72 5.52
OD CSX A 141 -0.07 3.35 4.92
N TRP A 142 -0.26 5.65 3.53
CA TRP A 142 -1.51 6.38 3.34
C TRP A 142 -1.33 7.59 2.42
N THR A 143 -0.14 8.22 2.45
CA THR A 143 0.11 9.36 1.57
C THR A 143 0.30 8.91 0.13
N PHE A 144 0.94 7.76 -0.10
CA PHE A 144 1.08 7.22 -1.47
C PHE A 144 -0.24 6.68 -2.00
N SER A 145 -1.05 6.08 -1.13
CA SER A 145 -2.39 5.68 -1.53
C SER A 145 -3.22 6.91 -1.94
N THR A 146 -3.07 8.01 -1.20
CA THR A 146 -3.79 9.26 -1.50
C THR A 146 -3.32 9.90 -2.80
N THR A 147 -2.01 10.11 -2.95
CA THR A 147 -1.54 10.73 -4.18
C THR A 147 -1.82 9.82 -5.37
N GLY A 148 -1.66 8.51 -5.20
CA GLY A 148 -1.94 7.59 -6.29
C GLY A 148 -3.37 7.71 -6.79
N ALA A 149 -4.33 7.73 -5.85
CA ALA A 149 -5.74 7.85 -6.23
C ALA A 149 -6.03 9.17 -6.93
N LEU A 150 -5.44 10.26 -6.43
CA LEU A 150 -5.72 11.57 -7.01
C LEU A 150 -4.98 11.74 -8.34
N GLU A 151 -3.75 11.22 -8.43
CA GLU A 151 -3.05 11.23 -9.72
C GLU A 151 -3.87 10.53 -10.79
N SER A 152 -4.42 9.35 -10.46
CA SER A 152 -5.26 8.64 -11.42
C SER A 152 -6.50 9.46 -11.77
N ALA A 153 -7.17 10.03 -10.76
CA ALA A 153 -8.38 10.81 -11.02
C ALA A 153 -8.12 11.97 -11.95
N ILE A 154 -7.03 12.70 -11.73
CA ILE A 154 -6.73 13.84 -12.60
C ILE A 154 -6.40 13.36 -14.01
N ALA A 155 -5.65 12.25 -14.13
CA ALA A 155 -5.31 11.71 -15.44
C ALA A 155 -6.55 11.23 -16.18
N ILE A 156 -7.45 10.54 -15.48
CA ILE A 156 -8.69 10.09 -16.09
C ILE A 156 -9.55 11.28 -16.55
N ALA A 157 -9.56 12.36 -15.76
CA ALA A 157 -10.40 13.50 -16.10
C ALA A 157 -9.77 14.40 -17.16
N THR A 158 -8.44 14.49 -17.22
CA THR A 158 -7.79 15.49 -18.06
C THR A 158 -6.76 14.96 -19.06
N GLY A 159 -6.36 13.69 -18.97
CA GLY A 159 -5.28 13.24 -19.81
C GLY A 159 -3.90 13.69 -19.39
N LYS A 160 -3.78 14.35 -18.26
CA LYS A 160 -2.51 14.81 -17.73
C LYS A 160 -2.15 13.97 -16.49
N MET A 161 -0.99 13.30 -16.56
CA MET A 161 -0.49 12.48 -15.46
C MET A 161 0.50 13.30 -14.63
N LEU A 162 0.12 13.60 -13.40
CA LEU A 162 0.96 14.32 -12.44
C LEU A 162 1.66 13.35 -11.49
N SER A 163 2.64 13.89 -10.78
CA SER A 163 3.22 13.20 -9.61
C SER A 163 3.14 14.17 -8.44
N LEU A 164 2.30 13.86 -7.47
CA LEU A 164 1.95 14.75 -6.38
C LEU A 164 2.80 14.45 -5.14
N ALA A 165 2.86 15.43 -4.24
CA ALA A 165 3.87 15.42 -3.17
C ALA A 165 3.35 14.69 -1.92
N GLU A 166 3.74 13.43 -1.76
CA GLU A 166 3.45 12.71 -0.53
C GLU A 166 3.99 13.45 0.69
N GLN A 167 5.12 14.13 0.55
CA GLN A 167 5.73 14.78 1.70
C GLN A 167 4.87 15.91 2.24
N GLN A 168 4.10 16.58 1.38
CA GLN A 168 3.18 17.59 1.90
C GLN A 168 2.16 16.97 2.86
N LEU A 169 1.65 15.79 2.52
CA LEU A 169 0.72 15.10 3.41
C LEU A 169 1.42 14.67 4.71
N VAL A 170 2.63 14.13 4.60
CA VAL A 170 3.38 13.75 5.80
C VAL A 170 3.54 14.96 6.72
N ASP A 171 3.91 16.10 6.17
CA ASP A 171 4.29 17.26 6.98
C ASP A 171 3.12 18.11 7.42
N CYS A 172 2.00 18.12 6.67
CA CYS A 172 1.00 19.18 6.83
C CYS A 172 -0.42 18.75 7.15
N ALA A 173 -0.75 17.45 7.08
CA ALA A 173 -2.16 17.03 7.13
C ALA A 173 -2.65 16.70 8.55
N GLN A 174 -1.97 17.19 9.59
CA GLN A 174 -2.29 16.79 10.95
C GLN A 174 -3.65 17.29 11.43
N ASP A 175 -4.19 18.36 10.84
CA ASP A 175 -5.47 18.84 11.36
C ASP A 175 -6.62 17.93 10.97
N PHE A 176 -6.36 16.92 10.16
CA PHE A 176 -7.37 15.94 9.79
C PHE A 176 -7.03 14.57 10.36
N ASN A 177 -6.40 14.58 11.54
CA ASN A 177 -6.14 13.37 12.31
C ASN A 177 -5.21 12.41 11.57
N ASN A 178 -4.31 12.96 10.78
CA ASN A 178 -3.22 12.17 10.22
C ASN A 178 -1.95 12.45 11.00
N HIS A 179 -0.98 11.53 10.90
CA HIS A 179 0.14 11.51 11.85
C HIS A 179 1.46 11.21 11.14
N GLY A 180 1.68 11.81 9.97
CA GLY A 180 2.96 11.64 9.30
C GLY A 180 3.42 10.19 9.18
N CYS A 181 4.67 9.93 9.57
CA CYS A 181 5.23 8.59 9.42
C CYS A 181 4.62 7.59 10.38
N GLN A 182 3.78 8.01 11.34
CA GLN A 182 3.10 7.08 12.23
C GLN A 182 1.82 6.49 11.63
N GLY A 183 1.29 7.07 10.56
CA GLY A 183 0.07 6.59 9.95
C GLY A 183 -0.93 7.70 9.72
N GLY A 184 -2.00 7.33 9.02
CA GLY A 184 -3.00 8.28 8.56
C GLY A 184 -3.96 7.57 7.63
N LEU A 185 -4.92 8.32 7.07
CA LEU A 185 -5.94 7.67 6.25
C LEU A 185 -6.18 8.46 4.97
N PRO A 186 -6.36 7.75 3.85
CA PRO A 186 -6.66 8.44 2.58
C PRO A 186 -7.85 9.38 2.65
N SER A 187 -8.97 8.95 3.24
CA SER A 187 -10.14 9.81 3.25
C SER A 187 -9.86 11.10 4.00
N GLN A 188 -9.15 10.99 5.12
CA GLN A 188 -8.76 12.18 5.87
C GLN A 188 -7.81 13.04 5.07
N ALA A 189 -6.92 12.41 4.30
CA ALA A 189 -5.97 13.16 3.49
C ALA A 189 -6.66 13.85 2.32
N PHE A 190 -7.65 13.19 1.70
CA PHE A 190 -8.42 13.86 0.64
C PHE A 190 -9.11 15.12 1.18
N GLU A 191 -9.64 15.04 2.41
CA GLU A 191 -10.29 16.22 3.00
C GLU A 191 -9.27 17.31 3.25
N TYR A 192 -8.10 16.94 3.77
CA TYR A 192 -7.03 17.93 3.91
C TYR A 192 -6.78 18.64 2.59
N ILE A 193 -6.60 17.88 1.50
CA ILE A 193 -6.28 18.51 0.22
C ILE A 193 -7.42 19.44 -0.19
N LEU A 194 -8.67 19.00 0.04
CA LEU A 194 -9.82 19.82 -0.32
C LEU A 194 -9.81 21.16 0.41
N TYR A 195 -9.68 21.13 1.74
CA TYR A 195 -9.76 22.38 2.50
C TYR A 195 -8.49 23.20 2.41
N ASN A 196 -7.34 22.55 2.20
CA ASN A 196 -6.07 23.24 2.00
C ASN A 196 -6.00 23.97 0.67
N LYS A 197 -6.92 23.67 -0.27
CA LYS A 197 -6.87 24.23 -1.61
C LYS A 197 -5.65 23.71 -2.39
N GLY A 198 -5.33 22.43 -2.24
CA GLY A 198 -4.52 21.76 -3.23
C GLY A 198 -3.27 21.12 -2.66
N ILE A 199 -2.63 20.34 -3.52
CA ILE A 199 -1.41 19.64 -3.18
C ILE A 199 -0.38 19.96 -4.25
N MET A 200 0.86 20.17 -3.81
CA MET A 200 1.98 20.46 -4.70
C MET A 200 2.47 19.18 -5.38
N GLY A 201 3.34 19.37 -6.37
CA GLY A 201 3.96 18.24 -7.02
C GLY A 201 5.24 17.78 -6.32
N GLU A 202 5.63 16.54 -6.64
CA GLU A 202 6.91 16.01 -6.18
C GLU A 202 8.07 16.91 -6.59
N ASP A 203 7.91 17.63 -7.70
CA ASP A 203 9.00 18.47 -8.20
C ASP A 203 9.27 19.66 -7.27
N THR A 204 8.23 20.23 -6.66
CA THR A 204 8.43 21.38 -5.77
C THR A 204 8.49 21.00 -4.30
N TYR A 205 8.09 19.80 -3.93
CA TYR A 205 8.03 19.38 -2.53
C TYR A 205 8.50 17.93 -2.47
N PRO A 206 9.81 17.71 -2.56
CA PRO A 206 10.31 16.34 -2.73
C PRO A 206 10.18 15.49 -1.48
N TYR A 207 10.11 14.18 -1.71
CA TYR A 207 9.86 13.22 -0.65
C TYR A 207 11.15 12.94 0.13
N GLN A 208 11.04 12.95 1.47
CA GLN A 208 12.19 12.75 2.35
C GLN A 208 12.11 11.47 3.18
N GLY A 209 10.94 10.85 3.28
CA GLY A 209 10.80 9.66 4.10
C GLY A 209 10.95 9.91 5.59
N LYS A 210 10.64 11.11 6.07
CA LYS A 210 10.61 11.38 7.51
C LYS A 210 9.78 12.62 7.76
N ASP A 211 9.41 12.82 9.03
CA ASP A 211 8.52 13.91 9.40
C ASP A 211 9.27 15.23 9.35
N GLY A 212 8.76 16.19 8.58
CA GLY A 212 9.47 17.44 8.40
C GLY A 212 8.61 18.66 8.68
N TYR A 213 9.14 19.84 8.37
CA TYR A 213 8.40 21.09 8.51
C TYR A 213 7.47 21.28 7.31
N CYS A 214 6.25 21.74 7.58
CA CYS A 214 5.32 22.02 6.48
C CYS A 214 5.84 23.15 5.62
N LYS A 215 6.00 22.88 4.32
CA LYS A 215 6.50 23.87 3.36
C LYS A 215 5.50 24.11 2.23
N PHE A 216 4.20 24.03 2.54
CA PHE A 216 3.19 24.24 1.49
C PHE A 216 3.21 25.69 0.99
N GLN A 217 3.20 25.86 -0.33
CA GLN A 217 3.09 27.17 -0.97
C GLN A 217 1.83 27.20 -1.82
N PRO A 218 0.86 28.07 -1.53
CA PRO A 218 -0.41 28.07 -2.29
C PRO A 218 -0.25 28.16 -3.80
N GLY A 219 0.60 29.05 -4.28
CA GLY A 219 0.76 29.19 -5.72
C GLY A 219 1.46 28.04 -6.40
N LYS A 220 1.89 27.01 -5.67
CA LYS A 220 2.53 25.86 -6.29
C LYS A 220 1.65 24.61 -6.29
N ALA A 221 0.42 24.70 -5.80
CA ALA A 221 -0.48 23.55 -5.85
C ALA A 221 -0.84 23.22 -7.30
N ILE A 222 -0.86 21.93 -7.63
CA ILE A 222 -1.19 21.49 -8.98
C ILE A 222 -2.29 20.45 -9.01
N GLY A 223 -2.64 19.89 -7.86
CA GLY A 223 -3.73 18.91 -7.78
C GLY A 223 -4.75 19.32 -6.74
N PHE A 224 -6.03 19.09 -7.06
CA PHE A 224 -7.12 19.63 -6.25
C PHE A 224 -8.26 18.63 -6.13
N VAL A 225 -8.96 18.70 -4.99
CA VAL A 225 -10.05 17.78 -4.65
C VAL A 225 -11.33 18.58 -4.52
N LYS A 226 -12.39 18.10 -5.18
CA LYS A 226 -13.74 18.67 -5.17
C LYS A 226 -14.67 17.97 -4.18
N ASP A 227 -14.66 16.63 -4.16
CA ASP A 227 -15.46 15.84 -3.23
C ASP A 227 -14.66 14.63 -2.78
N VAL A 228 -15.07 14.04 -1.66
CA VAL A 228 -14.48 12.81 -1.14
C VAL A 228 -15.58 11.76 -1.04
N ALA A 229 -15.36 10.61 -1.66
CA ALA A 229 -16.30 9.49 -1.58
C ALA A 229 -15.81 8.50 -0.55
N ASN A 230 -16.61 8.26 0.49
CA ASN A 230 -16.32 7.24 1.50
C ASN A 230 -17.24 6.05 1.25
N ILE A 231 -16.65 4.89 1.03
CA ILE A 231 -17.42 3.66 0.84
C ILE A 231 -17.77 3.09 2.20
N THR A 232 -19.04 2.66 2.34
CA THR A 232 -19.52 2.09 3.59
C THR A 232 -18.64 0.95 4.06
N ILE A 233 -18.44 0.88 5.38
CA ILE A 233 -17.66 -0.19 5.97
C ILE A 233 -18.17 -1.54 5.50
N TYR A 234 -17.25 -2.40 5.06
CA TYR A 234 -17.47 -3.75 4.55
C TYR A 234 -18.16 -3.81 3.18
N ASP A 235 -18.37 -2.68 2.51
CA ASP A 235 -19.13 -2.67 1.24
C ASP A 235 -18.15 -2.94 0.08
N GLU A 236 -17.67 -4.18 0.02
CA GLU A 236 -16.68 -4.54 -1.00
C GLU A 236 -17.26 -4.47 -2.41
N GLU A 237 -18.55 -4.73 -2.57
CA GLU A 237 -19.17 -4.60 -3.88
C GLU A 237 -19.19 -3.15 -4.37
N ALA A 238 -19.31 -2.17 -3.47
CA ALA A 238 -19.20 -0.78 -3.91
C ALA A 238 -17.78 -0.46 -4.39
N MET A 239 -16.77 -1.10 -3.79
CA MET A 239 -15.42 -0.96 -4.31
C MET A 239 -15.32 -1.49 -5.73
N VAL A 240 -15.91 -2.66 -5.98
CA VAL A 240 -15.93 -3.23 -7.34
C VAL A 240 -16.52 -2.22 -8.31
N GLU A 241 -17.67 -1.65 -7.96
CA GLU A 241 -18.32 -0.68 -8.83
C GLU A 241 -17.47 0.56 -9.03
N ALA A 242 -16.85 1.06 -7.95
CA ALA A 242 -16.10 2.31 -8.07
C ALA A 242 -14.87 2.13 -8.95
N VAL A 243 -14.18 1.00 -8.81
CA VAL A 243 -13.03 0.72 -9.68
C VAL A 243 -13.48 0.54 -11.12
N ALA A 244 -14.60 -0.16 -11.33
CA ALA A 244 -15.11 -0.37 -12.69
C ALA A 244 -15.51 0.93 -13.35
N LEU A 245 -16.22 1.81 -12.63
CA LEU A 245 -16.88 2.95 -13.23
C LEU A 245 -16.12 4.27 -13.12
N TYR A 246 -15.36 4.50 -12.05
CA TYR A 246 -14.88 5.84 -11.74
C TYR A 246 -13.37 5.95 -11.63
N ASN A 247 -12.73 5.21 -10.73
CA ASN A 247 -11.36 5.56 -10.32
C ASN A 247 -10.73 4.40 -9.57
N PRO A 248 -9.40 4.25 -9.59
CA PRO A 248 -8.74 3.45 -8.56
C PRO A 248 -9.22 3.86 -7.17
N VAL A 249 -9.21 2.91 -6.24
CA VAL A 249 -9.83 3.12 -4.94
C VAL A 249 -8.80 2.90 -3.85
N SER A 250 -8.65 3.90 -2.96
CA SER A 250 -7.75 3.77 -1.81
C SER A 250 -8.40 2.88 -0.76
N PHE A 251 -7.59 1.99 -0.15
CA PHE A 251 -8.10 1.18 0.95
C PHE A 251 -6.97 0.82 1.89
N ALA A 252 -7.33 0.33 3.08
CA ALA A 252 -6.36 -0.14 4.05
C ALA A 252 -6.67 -1.58 4.44
N PHE A 253 -5.62 -2.34 4.79
CA PHE A 253 -5.79 -3.72 5.22
C PHE A 253 -4.73 -4.07 6.26
N GLU A 254 -4.88 -5.25 6.88
CA GLU A 254 -3.90 -5.71 7.86
C GLU A 254 -2.80 -6.50 7.16
N VAL A 255 -1.59 -5.96 7.18
CA VAL A 255 -0.39 -6.67 6.76
C VAL A 255 0.06 -7.56 7.91
N THR A 256 0.35 -8.83 7.61
CA THR A 256 1.01 -9.74 8.54
C THR A 256 2.31 -10.26 7.92
N GLN A 257 2.98 -11.14 8.66
CA GLN A 257 4.36 -11.49 8.34
C GLN A 257 4.49 -12.15 6.97
N ASP A 258 3.53 -13.01 6.60
CA ASP A 258 3.62 -13.69 5.30
CA ASP A 258 3.65 -13.69 5.30
C ASP A 258 3.51 -12.72 4.14
N PHE A 259 2.68 -11.68 4.30
CA PHE A 259 2.51 -10.72 3.22
C PHE A 259 3.81 -10.01 2.86
N MET A 260 4.68 -9.79 3.86
CA MET A 260 5.94 -9.09 3.60
C MET A 260 6.77 -9.80 2.54
N MET A 261 6.64 -11.12 2.46
CA MET A 261 7.43 -11.95 1.57
C MET A 261 6.66 -12.36 0.32
N TYR A 262 5.47 -11.80 0.13
CA TYR A 262 4.69 -12.04 -1.08
C TYR A 262 5.51 -11.77 -2.33
N ARG A 263 5.38 -12.66 -3.32
CA ARG A 263 6.08 -12.49 -4.58
C ARG A 263 5.13 -12.44 -5.77
N THR A 264 4.25 -13.42 -5.91
CA THR A 264 3.36 -13.46 -7.07
C THR A 264 2.14 -14.31 -6.72
N GLY A 265 1.10 -14.16 -7.52
CA GLY A 265 -0.13 -14.91 -7.31
C GLY A 265 -1.16 -14.13 -6.51
N ILE A 266 -2.13 -14.85 -5.97
CA ILE A 266 -3.28 -14.27 -5.30
C ILE A 266 -3.06 -14.42 -3.80
N TYR A 267 -2.76 -13.32 -3.12
CA TYR A 267 -2.55 -13.37 -1.68
C TYR A 267 -3.85 -13.65 -0.92
N SER A 268 -3.74 -14.48 0.11
CA SER A 268 -4.82 -14.66 1.07
C SER A 268 -4.21 -15.15 2.36
N SER A 269 -4.99 -15.09 3.44
CA SER A 269 -4.50 -15.45 4.76
C SER A 269 -5.67 -15.84 5.64
N THR A 270 -5.44 -16.80 6.53
CA THR A 270 -6.43 -17.17 7.55
C THR A 270 -6.13 -16.54 8.90
N SER A 271 -4.99 -15.87 9.06
CA SER A 271 -4.62 -15.28 10.33
C SER A 271 -4.77 -13.76 10.40
N CYS A 272 -4.96 -13.07 9.27
CA CYS A 272 -5.19 -11.63 9.36
C CYS A 272 -6.61 -11.37 9.87
N HIS A 273 -6.79 -10.24 10.55
CA HIS A 273 -8.13 -9.87 11.00
C HIS A 273 -8.85 -9.11 9.90
N LYS A 274 -10.16 -8.92 10.08
CA LYS A 274 -11.00 -8.27 9.08
C LYS A 274 -11.59 -6.96 9.57
N THR A 275 -11.17 -6.48 10.75
CA THR A 275 -11.83 -5.38 11.43
C THR A 275 -11.05 -4.08 11.24
N PRO A 276 -11.74 -2.93 11.29
CA PRO A 276 -11.06 -1.65 11.03
C PRO A 276 -9.97 -1.32 12.03
N ASP A 277 -10.07 -1.80 13.26
CA ASP A 277 -9.08 -1.44 14.26
C ASP A 277 -7.76 -2.17 14.03
N LYS A 278 -7.73 -3.17 13.15
CA LYS A 278 -6.52 -3.94 12.92
C LYS A 278 -5.81 -3.61 11.62
N VAL A 279 -6.40 -2.80 10.74
CA VAL A 279 -5.70 -2.50 9.49
C VAL A 279 -4.50 -1.62 9.79
N ASN A 280 -3.46 -1.73 8.96
CA ASN A 280 -2.22 -1.04 9.28
C ASN A 280 -1.41 -0.62 8.06
N HIS A 281 -2.01 -0.58 6.87
CA HIS A 281 -1.27 -0.32 5.63
C HIS A 281 -2.27 0.08 4.56
N ALA A 282 -2.05 1.23 3.94
CA ALA A 282 -2.94 1.74 2.90
C ALA A 282 -2.31 1.59 1.52
N VAL A 283 -3.15 1.25 0.54
CA VAL A 283 -2.71 0.93 -0.82
C VAL A 283 -3.78 1.40 -1.82
N LEU A 284 -3.63 0.99 -3.07
CA LEU A 284 -4.50 1.52 -4.13
C LEU A 284 -4.95 0.38 -5.02
N ALA A 285 -6.25 0.10 -5.04
CA ALA A 285 -6.81 -0.89 -5.98
C ALA A 285 -6.93 -0.25 -7.36
N VAL A 286 -6.25 -0.81 -8.36
CA VAL A 286 -6.31 -0.26 -9.71
C VAL A 286 -7.07 -1.15 -10.68
N GLY A 287 -7.58 -2.29 -10.22
CA GLY A 287 -8.32 -3.17 -11.09
C GLY A 287 -8.69 -4.43 -10.35
N TYR A 288 -9.29 -5.37 -11.09
CA TYR A 288 -9.63 -6.66 -10.52
C TYR A 288 -9.78 -7.68 -11.65
N GLY A 289 -9.76 -8.95 -11.27
CA GLY A 289 -10.00 -10.02 -12.23
C GLY A 289 -10.23 -11.32 -11.50
N GLU A 290 -10.00 -12.42 -12.22
CA GLU A 290 -10.17 -13.76 -11.66
C GLU A 290 -9.26 -14.73 -12.39
N LYS A 291 -8.72 -15.70 -11.65
CA LYS A 291 -7.82 -16.69 -12.19
C LYS A 291 -8.13 -18.04 -11.57
N ASN A 292 -8.51 -19.01 -12.40
CA ASN A 292 -8.84 -20.36 -11.96
C ASN A 292 -10.00 -20.34 -10.96
N GLY A 293 -10.99 -19.50 -11.23
CA GLY A 293 -12.12 -19.45 -10.33
C GLY A 293 -11.96 -18.57 -9.10
N ILE A 294 -10.81 -17.95 -8.88
CA ILE A 294 -10.53 -17.19 -7.66
C ILE A 294 -10.56 -15.71 -8.00
N PRO A 295 -11.55 -14.95 -7.54
CA PRO A 295 -11.55 -13.51 -7.81
C PRO A 295 -10.46 -12.80 -7.04
N TYR A 296 -9.93 -11.72 -7.62
CA TYR A 296 -8.86 -11.00 -6.95
C TYR A 296 -8.94 -9.51 -7.27
N TRP A 297 -8.20 -8.73 -6.47
CA TRP A 297 -7.96 -7.31 -6.67
C TRP A 297 -6.54 -7.11 -7.21
N ILE A 298 -6.36 -6.12 -8.08
CA ILE A 298 -5.04 -5.69 -8.53
C ILE A 298 -4.68 -4.43 -7.75
N VAL A 299 -3.59 -4.46 -6.99
CA VAL A 299 -3.31 -3.45 -5.98
C VAL A 299 -1.90 -2.91 -6.15
N LYS A 300 -1.79 -1.59 -6.21
CA LYS A 300 -0.49 -0.92 -6.22
C LYS A 300 0.01 -0.71 -4.80
N ASN A 301 1.22 -1.17 -4.51
CA ASN A 301 1.87 -0.97 -3.23
C ASN A 301 2.89 0.18 -3.35
N SER A 302 3.54 0.53 -2.24
CA SER A 302 4.53 1.60 -2.22
C SER A 302 5.85 1.14 -1.60
N TRP A 303 6.28 -0.09 -1.93
CA TRP A 303 7.58 -0.62 -1.50
C TRP A 303 8.56 -0.75 -2.66
N GLY A 304 8.39 0.06 -3.70
CA GLY A 304 9.29 0.07 -4.84
C GLY A 304 8.91 -0.96 -5.89
N PRO A 305 9.42 -0.81 -7.11
CA PRO A 305 9.00 -1.69 -8.22
C PRO A 305 9.62 -3.07 -8.19
N GLN A 306 10.53 -3.37 -7.28
CA GLN A 306 11.06 -4.71 -7.23
C GLN A 306 10.43 -5.56 -6.12
N TRP A 307 9.42 -5.03 -5.43
CA TRP A 307 8.65 -5.83 -4.49
C TRP A 307 7.45 -6.45 -5.21
N GLY A 308 7.16 -7.70 -4.88
CA GLY A 308 5.95 -8.33 -5.44
C GLY A 308 6.04 -8.47 -6.95
N MET A 309 4.93 -8.13 -7.62
CA MET A 309 4.82 -8.24 -9.08
C MET A 309 5.03 -6.84 -9.65
N ASN A 310 6.31 -6.50 -9.88
CA ASN A 310 6.69 -5.17 -10.35
C ASN A 310 6.08 -4.06 -9.48
N GLY A 311 6.00 -4.31 -8.17
CA GLY A 311 5.48 -3.32 -7.24
C GLY A 311 4.01 -3.50 -6.87
N TYR A 312 3.32 -4.43 -7.53
CA TYR A 312 1.90 -4.70 -7.33
C TYR A 312 1.71 -6.03 -6.62
N PHE A 313 0.51 -6.23 -6.07
CA PHE A 313 0.13 -7.55 -5.60
C PHE A 313 -1.32 -7.81 -5.96
N LEU A 314 -1.66 -9.10 -6.03
CA LEU A 314 -3.05 -9.52 -6.13
C LEU A 314 -3.49 -10.04 -4.77
N ILE A 315 -4.73 -9.73 -4.39
CA ILE A 315 -5.28 -10.19 -3.13
C ILE A 315 -6.71 -10.66 -3.38
N GLU A 316 -7.08 -11.77 -2.75
CA GLU A 316 -8.38 -12.36 -3.00
C GLU A 316 -9.51 -11.36 -2.74
N ARG A 317 -10.50 -11.38 -3.62
CA ARG A 317 -11.63 -10.47 -3.65
C ARG A 317 -12.89 -11.21 -3.20
N GLY A 318 -13.83 -10.47 -2.62
CA GLY A 318 -15.10 -11.01 -2.20
C GLY A 318 -15.15 -11.59 -0.79
N LYS A 319 -14.06 -11.50 -0.03
CA LYS A 319 -14.04 -12.07 1.31
C LYS A 319 -13.66 -11.05 2.38
N ASN A 320 -13.65 -9.75 2.08
CA ASN A 320 -13.12 -8.75 3.00
C ASN A 320 -11.76 -9.20 3.50
N MET A 321 -10.93 -9.65 2.57
CA MET A 321 -9.68 -10.29 2.95
C MET A 321 -8.77 -9.29 3.67
N CYS A 322 -8.30 -9.68 4.86
CA CYS A 322 -7.47 -8.84 5.71
C CYS A 322 -8.11 -7.49 6.04
N GLY A 323 -9.43 -7.39 5.91
CA GLY A 323 -10.11 -6.14 6.25
C GLY A 323 -10.09 -5.10 5.16
N LEU A 324 -9.80 -5.48 3.92
CA LEU A 324 -9.60 -4.52 2.84
C LEU A 324 -10.85 -3.70 2.54
N ALA A 325 -12.06 -4.17 2.88
CA ALA A 325 -13.25 -3.36 2.66
C ALA A 325 -13.64 -2.50 3.86
N ALA A 326 -12.77 -2.37 4.87
CA ALA A 326 -13.13 -1.67 6.09
C ALA A 326 -13.22 -0.15 5.91
N CYS A 327 -12.30 0.44 5.14
CA CYS A 327 -12.40 1.91 4.97
C CYS A 327 -11.80 2.31 3.62
N ALA A 328 -12.57 2.10 2.56
CA ALA A 328 -12.18 2.48 1.20
C ALA A 328 -12.71 3.88 0.86
N SER A 329 -11.99 4.56 -0.04
CA SER A 329 -12.35 5.92 -0.40
CA SER A 329 -12.29 5.95 -0.35
C SER A 329 -11.62 6.30 -1.68
N TYR A 330 -12.14 7.35 -2.34
CA TYR A 330 -11.48 7.90 -3.52
C TYR A 330 -11.90 9.35 -3.69
N PRO A 331 -11.12 10.15 -4.43
CA PRO A 331 -11.46 11.55 -4.60
C PRO A 331 -12.13 11.84 -5.92
N ILE A 332 -12.91 12.92 -5.93
CA ILE A 332 -13.37 13.55 -7.17
C ILE A 332 -12.52 14.80 -7.38
N PRO A 333 -11.75 14.88 -8.45
CA PRO A 333 -10.79 15.99 -8.60
C PRO A 333 -11.49 17.27 -9.04
N LEU A 334 -10.89 18.39 -8.64
CA LEU A 334 -11.29 19.71 -9.10
C LEU A 334 -10.37 20.06 -10.27
N VAL A 335 -10.92 20.07 -11.48
CA VAL A 335 -10.10 20.28 -12.68
C VAL A 335 -10.65 21.40 -13.57
C1 NAG B . -9.83 9.73 16.00
C2 NAG B . -8.43 10.28 16.31
C3 NAG B . -8.41 11.00 17.66
C4 NAG B . -9.54 12.01 17.76
C5 NAG B . -10.87 11.34 17.42
C6 NAG B . -12.05 12.29 17.41
C7 NAG B . -6.46 9.11 15.40
C8 NAG B . -5.57 7.93 15.52
N2 NAG B . -7.45 9.19 16.30
O3 NAG B . -7.16 11.65 17.83
O4 NAG B . -9.62 12.51 19.09
O5 NAG B . -10.79 10.77 16.11
O6 NAG B . -11.93 13.25 16.36
O7 NAG B . -6.31 9.96 14.53
C1 NAG B . -9.35 13.94 19.11
C2 NAG B . -9.91 14.56 20.40
C3 NAG B . -9.57 16.06 20.45
C4 NAG B . -8.08 16.28 20.25
C5 NAG B . -7.60 15.59 18.97
C6 NAG B . -6.10 15.66 18.78
C7 NAG B . -11.90 13.33 21.14
C8 NAG B . -13.39 13.30 21.17
N2 NAG B . -11.35 14.37 20.52
O3 NAG B . -9.98 16.59 21.71
O4 NAG B . -7.79 17.67 20.16
O5 NAG B . -7.94 14.19 19.03
O6 NAG B . -5.45 14.56 19.40
O7 NAG B . -11.22 12.46 21.67
C1 NAG C . -15.56 10.96 4.66
C2 NAG C . -16.59 11.89 5.29
C3 NAG C . -15.91 13.16 5.79
C4 NAG C . -14.71 12.85 6.68
C5 NAG C . -13.80 11.83 6.00
C6 NAG C . -12.67 11.36 6.89
C7 NAG C . -18.94 12.04 4.55
C8 NAG C . -19.87 12.49 3.47
N2 NAG C . -17.63 12.24 4.32
O3 NAG C . -16.90 13.92 6.47
O4 NAG C . -13.88 13.99 6.83
O5 NAG C . -14.54 10.67 5.61
O6 NAG C . -13.16 10.81 8.11
O7 NAG C . -19.33 11.49 5.58
C1 NAG C . -14.38 15.12 7.54
C2 NAG C . -13.19 15.85 8.17
C3 NAG C . -13.63 17.19 8.78
C4 NAG C . -14.48 18.00 7.79
C5 NAG C . -15.59 17.13 7.24
C6 NAG C . -16.41 17.80 6.16
C7 NAG C . -11.43 14.36 9.03
C8 NAG C . -10.96 13.56 10.21
N2 NAG C . -12.57 15.03 9.21
O3 NAG C . -12.48 17.94 9.12
O4 NAG C . -15.05 19.10 8.49
O5 NAG C . -15.03 15.96 6.65
O6 NAG C . -17.51 16.98 5.80
O7 NAG C . -10.81 14.38 7.97
C1 BMA C . -14.74 20.37 7.89
C2 BMA C . -15.82 21.35 8.40
C3 BMA C . -15.51 22.78 7.90
C4 BMA C . -14.09 23.20 8.22
C5 BMA C . -13.08 22.13 7.76
C6 BMA C . -11.69 22.45 8.30
O2 BMA C . -15.79 21.36 9.81
O3 BMA C . -16.39 23.76 8.48
O4 BMA C . -13.82 24.42 7.53
O5 BMA C . -13.46 20.81 8.25
O6 BMA C . -11.73 22.31 9.73
C1 MAN C . -17.40 24.21 7.55
C2 MAN C . -17.97 25.55 8.06
C3 MAN C . -18.66 25.34 9.42
C4 MAN C . -19.59 24.09 9.44
C5 MAN C . -18.89 22.89 8.80
C6 MAN C . -19.77 21.66 8.65
O2 MAN C . -18.99 26.06 7.17
O3 MAN C . -19.39 26.49 9.85
O4 MAN C . -19.90 23.77 10.78
O5 MAN C . -18.39 23.25 7.49
O6 MAN C . -19.88 21.08 9.95
C1 MAN C . -10.51 22.88 10.30
C2 MAN C . -10.40 22.43 11.79
C3 MAN C . -11.48 23.15 12.65
C4 MAN C . -11.45 24.68 12.42
C5 MAN C . -11.54 25.01 10.91
C6 MAN C . -11.40 26.48 10.60
O2 MAN C . -9.15 22.80 12.36
O3 MAN C . -11.37 22.83 14.04
O4 MAN C . -12.55 25.27 13.10
O5 MAN C . -10.50 24.30 10.16
O6 MAN C . -11.63 26.67 9.20
S SO4 D . -24.26 -3.64 -1.40
O1 SO4 D . -25.47 -3.91 -2.19
O2 SO4 D . -24.64 -3.19 -0.05
O3 SO4 D . -23.47 -4.86 -1.28
O4 SO4 D . -23.42 -2.64 -2.06
S SO4 E . -27.00 -6.07 -7.79
O1 SO4 E . -28.25 -5.36 -8.03
O2 SO4 E . -26.66 -6.04 -6.38
O3 SO4 E . -25.93 -5.44 -8.57
O4 SO4 E . -27.17 -7.47 -8.19
S SO4 F . 17.07 -1.50 -0.27
O1 SO4 F . 15.70 -1.35 -0.77
O2 SO4 F . 17.04 -2.30 0.96
O3 SO4 F . 17.91 -2.17 -1.27
O4 SO4 F . 17.64 -0.19 0.00
S SO4 G . -19.54 20.26 -5.52
O1 SO4 G . -20.96 20.63 -5.40
O2 SO4 G . -18.79 20.81 -4.39
O3 SO4 G . -19.02 20.78 -6.79
O4 SO4 G . -19.39 18.81 -5.52
C1 GOL H . 9.93 7.83 -3.96
O1 GOL H . 9.89 6.79 -4.94
C2 GOL H . 9.46 9.21 -4.44
O2 GOL H . 10.42 10.22 -4.18
C3 GOL H . 9.02 9.27 -5.89
O3 GOL H . 8.91 10.60 -6.38
C1 GOL I . -17.50 -10.11 -12.59
O1 GOL I . -17.27 -11.48 -12.83
C2 GOL I . -17.49 -9.86 -11.09
O2 GOL I . -16.37 -10.47 -10.49
C3 GOL I . -17.47 -8.38 -10.83
O3 GOL I . -18.53 -8.10 -9.94
C1 GOL J . 12.53 -0.28 0.62
O1 GOL J . 11.23 -0.65 1.02
C2 GOL J . 13.37 0.19 1.80
O2 GOL J . 14.59 -0.51 1.78
C3 GOL J . 13.66 1.68 1.66
O3 GOL J . 14.11 2.19 2.90
#